data_8ZAN
#
_entry.id   8ZAN
#
loop_
_entity.id
_entity.type
_entity.pdbx_description
1 polymer 'Archaeal-type opsin 2'
2 non-polymer RETINAL
#
_entity_poly.entity_id   1
_entity_poly.type   'polypeptide(L)'
_entity_poly.pdbx_seq_one_letter_code
;MDYGGALSAVGRELLFVTNPVVVNGSVLVPEDQCYCAGWIESRGTNGAQTASNVLQWLAAGFSILLLMFYAYQTWKSTCG
WEEIYVCAIEMVKVILEFFFEFKNPSMLYLATGHRVQWLRYAEWLLTCPVILIHLSNLTGLSNDYSRRTMGLLVSDIGTI
VWGATSAMATGYVKVIFFCLGLCYGANTFFHAAKAYIEGYHTVPKGRCRQVVTGMAWLFFVSWGMFPILFILGPEGFGVL
SVYGSTVGHTIIDLMSKNCWGLLGHYLRVLIHEHILIHGDIRKTTKLNIGGTEIEVETLVEDEAEAGAVNKGTGK
;
_entity_poly.pdbx_strand_id   A,B
#
loop_
_chem_comp.id
_chem_comp.type
_chem_comp.name
_chem_comp.formula
RET non-polymer RETINAL 'C20 H28 O'
#
# COMPACT_ATOMS: atom_id res chain seq x y z
N CYS A 34 18.82 -1.30 -25.41
CA CYS A 34 18.48 -0.41 -24.31
C CYS A 34 19.74 0.23 -23.75
N TYR A 35 20.14 1.38 -24.27
CA TYR A 35 21.40 1.99 -23.88
C TYR A 35 21.15 3.00 -22.77
N CYS A 36 20.43 4.09 -23.03
CA CYS A 36 19.99 5.05 -22.02
C CYS A 36 21.09 5.42 -21.03
N ALA A 37 22.11 6.17 -21.49
CA ALA A 37 23.33 6.39 -20.73
C ALA A 37 23.11 6.84 -19.30
N GLY A 38 21.91 7.29 -18.93
CA GLY A 38 21.65 7.63 -17.54
C GLY A 38 21.62 6.42 -16.62
N TRP A 39 21.55 5.21 -17.18
CA TRP A 39 21.51 4.01 -16.36
C TRP A 39 22.87 3.68 -15.76
N ILE A 40 23.95 4.08 -16.42
CA ILE A 40 25.29 3.82 -15.90
C ILE A 40 25.59 4.80 -14.78
N GLU A 41 25.66 6.09 -15.12
CA GLU A 41 25.99 7.16 -14.19
C GLU A 41 27.10 6.74 -13.24
N SER A 42 26.83 6.79 -11.94
CA SER A 42 27.77 6.33 -10.92
C SER A 42 26.97 6.01 -9.67
N ARG A 43 27.16 4.81 -9.13
CA ARG A 43 26.41 4.40 -7.94
C ARG A 43 26.95 5.06 -6.68
N GLY A 44 28.24 5.33 -6.62
CA GLY A 44 28.82 5.90 -5.41
C GLY A 44 30.29 6.18 -5.58
N THR A 45 30.97 6.39 -4.45
CA THR A 45 32.38 6.78 -4.44
C THR A 45 33.29 5.66 -3.96
N ASN A 46 32.76 4.44 -3.84
CA ASN A 46 33.51 3.23 -3.45
C ASN A 46 33.83 3.30 -1.96
N GLY A 47 33.57 4.44 -1.34
CA GLY A 47 33.58 4.50 0.11
C GLY A 47 32.16 4.47 0.66
N ALA A 48 31.25 5.17 -0.01
CA ALA A 48 29.84 5.03 0.31
C ALA A 48 29.35 3.61 0.02
N GLN A 49 29.94 2.95 -0.98
CA GLN A 49 29.59 1.54 -1.24
C GLN A 49 29.99 0.65 -0.08
N THR A 50 31.21 0.84 0.44
CA THR A 50 31.67 0.05 1.59
C THR A 50 30.84 0.36 2.83
N ALA A 51 30.51 1.64 3.06
CA ALA A 51 29.66 1.99 4.18
C ALA A 51 28.28 1.36 4.04
N SER A 52 27.73 1.36 2.83
CA SER A 52 26.43 0.72 2.59
C SER A 52 26.49 -0.77 2.85
N ASN A 53 27.55 -1.43 2.40
CA ASN A 53 27.68 -2.87 2.61
C ASN A 53 27.82 -3.19 4.10
N VAL A 54 28.62 -2.40 4.82
CA VAL A 54 28.80 -2.62 6.25
C VAL A 54 27.49 -2.40 6.99
N LEU A 55 26.77 -1.34 6.64
CA LEU A 55 25.49 -1.07 7.28
C LEU A 55 24.44 -2.12 6.94
N GLN A 56 24.48 -2.66 5.72
CA GLN A 56 23.58 -3.76 5.37
C GLN A 56 23.91 -5.01 6.19
N TRP A 57 25.19 -5.32 6.37
CA TRP A 57 25.55 -6.45 7.21
C TRP A 57 25.09 -6.25 8.64
N LEU A 58 25.29 -5.03 9.18
CA LEU A 58 24.84 -4.75 10.55
C LEU A 58 23.33 -4.83 10.66
N ALA A 59 22.60 -4.31 9.67
CA ALA A 59 21.15 -4.36 9.70
C ALA A 59 20.65 -5.79 9.61
N ALA A 60 21.27 -6.61 8.76
CA ALA A 60 20.89 -8.01 8.67
C ALA A 60 21.15 -8.74 9.98
N GLY A 61 22.30 -8.48 10.60
CA GLY A 61 22.60 -9.12 11.88
C GLY A 61 21.63 -8.70 12.96
N PHE A 62 21.32 -7.40 13.03
CA PHE A 62 20.37 -6.93 14.02
C PHE A 62 18.98 -7.49 13.77
N SER A 63 18.56 -7.58 12.51
CA SER A 63 17.26 -8.16 12.20
C SER A 63 17.21 -9.63 12.57
N ILE A 64 18.28 -10.37 12.30
CA ILE A 64 18.33 -11.79 12.66
C ILE A 64 18.25 -11.97 14.17
N LEU A 65 19.03 -11.17 14.92
CA LEU A 65 18.99 -11.26 16.36
C LEU A 65 17.64 -10.85 16.93
N LEU A 66 17.02 -9.81 16.35
CA LEU A 66 15.71 -9.39 16.81
C LEU A 66 14.64 -10.43 16.51
N LEU A 67 14.73 -11.09 15.35
CA LEU A 67 13.79 -12.16 15.04
C LEU A 67 13.97 -13.35 15.96
N MET A 68 15.22 -13.69 16.29
CA MET A 68 15.46 -14.75 17.24
C MET A 68 14.89 -14.40 18.62
N PHE A 69 15.11 -13.16 19.05
CA PHE A 69 14.55 -12.72 20.33
C PHE A 69 13.03 -12.73 20.31
N TYR A 70 12.43 -12.31 19.20
CA TYR A 70 10.97 -12.31 19.09
C TYR A 70 10.41 -13.73 19.11
N ALA A 71 11.07 -14.67 18.44
CA ALA A 71 10.66 -16.06 18.50
C ALA A 71 10.75 -16.60 19.92
N TYR A 72 11.85 -16.27 20.61
CA TYR A 72 11.98 -16.66 22.01
C TYR A 72 10.87 -16.08 22.85
N GLN A 73 10.48 -14.83 22.58
CA GLN A 73 9.39 -14.20 23.32
C GLN A 73 8.07 -14.90 23.07
N THR A 74 7.71 -15.11 21.79
CA THR A 74 6.47 -15.81 21.49
C THR A 74 6.43 -17.18 22.14
N TRP A 75 7.59 -17.85 22.21
CA TRP A 75 7.62 -19.15 22.87
C TRP A 75 7.44 -19.01 24.38
N LYS A 76 8.05 -17.98 24.99
CA LYS A 76 7.94 -17.80 26.42
C LYS A 76 6.97 -16.67 26.82
N SER A 77 7.26 -15.45 26.36
CA SER A 77 6.53 -14.26 26.77
C SER A 77 5.38 -13.93 25.82
N THR A 78 4.87 -12.71 25.91
CA THR A 78 3.89 -12.20 24.96
C THR A 78 4.62 -11.33 23.93
N CYS A 79 4.44 -11.65 22.65
CA CYS A 79 5.01 -10.87 21.57
C CYS A 79 3.96 -10.63 20.50
N GLY A 80 4.03 -9.45 19.88
CA GLY A 80 3.09 -9.08 18.84
C GLY A 80 3.58 -9.48 17.46
N TRP A 81 2.62 -9.58 16.53
CA TRP A 81 2.94 -9.96 15.17
C TRP A 81 3.57 -8.81 14.38
N GLU A 82 3.28 -7.56 14.78
CA GLU A 82 3.74 -6.41 14.01
C GLU A 82 5.26 -6.32 14.01
N GLU A 83 5.88 -6.45 15.19
CA GLU A 83 7.33 -6.36 15.28
C GLU A 83 8.00 -7.47 14.49
N ILE A 84 7.49 -8.69 14.61
CA ILE A 84 8.07 -9.83 13.89
C ILE A 84 7.95 -9.63 12.39
N TYR A 85 6.78 -9.20 11.93
CA TYR A 85 6.58 -9.01 10.49
C TYR A 85 7.49 -7.90 9.96
N VAL A 86 7.58 -6.80 10.69
CA VAL A 86 8.41 -5.68 10.25
C VAL A 86 9.87 -6.10 10.21
N CYS A 87 10.33 -6.82 11.24
CA CYS A 87 11.72 -7.26 11.26
C CYS A 87 12.01 -8.26 10.15
N ALA A 88 11.07 -9.17 9.86
CA ALA A 88 11.28 -10.13 8.79
C ALA A 88 11.38 -9.44 7.43
N ILE A 89 10.48 -8.48 7.18
CA ILE A 89 10.55 -7.74 5.92
C ILE A 89 11.84 -6.93 5.85
N GLU A 90 12.27 -6.36 6.98
CA GLU A 90 13.52 -5.60 7.00
C GLU A 90 14.71 -6.49 6.68
N MET A 91 14.74 -7.69 7.25
CA MET A 91 15.81 -8.64 6.97
C MET A 91 15.83 -9.03 5.50
N VAL A 92 14.66 -9.33 4.95
CA VAL A 92 14.57 -9.72 3.54
C VAL A 92 15.03 -8.57 2.65
N LYS A 93 14.57 -7.35 2.95
CA LYS A 93 14.96 -6.19 2.16
C LYS A 93 16.45 -5.94 2.25
N VAL A 94 17.04 -6.12 3.44
CA VAL A 94 18.47 -5.89 3.60
C VAL A 94 19.27 -6.91 2.79
N ILE A 95 18.87 -8.18 2.82
CA ILE A 95 19.56 -9.19 2.03
C ILE A 95 19.42 -8.90 0.53
N LEU A 96 18.20 -8.56 0.10
CA LEU A 96 17.98 -8.24 -1.30
C LEU A 96 18.71 -6.98 -1.75
N GLU A 97 18.90 -6.02 -0.85
CA GLU A 97 19.68 -4.83 -1.17
C GLU A 97 21.17 -5.10 -1.18
N PHE A 98 21.64 -6.05 -0.36
CA PHE A 98 23.03 -6.43 -0.46
C PHE A 98 23.32 -7.16 -1.76
N PHE A 99 22.40 -8.01 -2.22
CA PHE A 99 22.71 -8.88 -3.34
C PHE A 99 22.26 -8.33 -4.69
N PHE A 100 21.06 -7.75 -4.79
CA PHE A 100 20.49 -7.36 -6.07
C PHE A 100 19.97 -5.94 -6.06
N GLU A 101 20.62 -5.04 -5.30
CA GLU A 101 20.09 -3.68 -5.17
C GLU A 101 19.98 -2.98 -6.52
N PHE A 102 20.95 -3.18 -7.40
CA PHE A 102 20.98 -2.50 -8.69
C PHE A 102 20.47 -3.40 -9.81
N LYS A 103 19.59 -4.34 -9.45
CA LYS A 103 18.93 -5.21 -10.41
C LYS A 103 17.43 -4.92 -10.42
N ASN A 104 16.72 -5.64 -11.26
CA ASN A 104 15.29 -5.46 -11.47
C ASN A 104 14.55 -5.95 -10.22
N PRO A 105 13.22 -5.72 -10.08
CA PRO A 105 12.60 -5.59 -8.75
C PRO A 105 13.41 -5.01 -7.61
N SER A 106 14.51 -4.33 -7.88
CA SER A 106 15.16 -3.56 -6.84
C SER A 106 15.53 -2.20 -7.41
N MET A 107 15.74 -2.17 -8.72
CA MET A 107 16.09 -0.94 -9.42
C MET A 107 15.44 -0.98 -10.79
N LEU A 108 14.37 -0.20 -10.95
CA LEU A 108 13.77 0.03 -12.26
C LEU A 108 14.56 1.12 -12.94
N TYR A 109 14.96 0.88 -14.20
CA TYR A 109 15.93 1.76 -14.82
C TYR A 109 15.27 2.85 -15.65
N LEU A 110 14.10 2.58 -16.24
CA LEU A 110 13.23 3.61 -16.81
C LEU A 110 13.78 4.22 -18.10
N ALA A 111 12.91 4.49 -19.06
CA ALA A 111 13.30 5.18 -20.27
C ALA A 111 13.72 6.63 -20.01
N THR A 112 13.36 7.19 -18.87
CA THR A 112 13.71 8.56 -18.55
C THR A 112 15.15 8.71 -18.09
N GLY A 113 15.87 7.60 -17.91
CA GLY A 113 17.22 7.63 -17.42
C GLY A 113 17.34 7.62 -15.91
N HIS A 114 16.24 7.49 -15.19
CA HIS A 114 16.22 7.53 -13.73
C HIS A 114 16.13 6.11 -13.20
N ARG A 115 17.09 5.73 -12.35
CA ARG A 115 17.06 4.43 -11.71
C ARG A 115 16.19 4.51 -10.45
N VAL A 116 15.06 3.82 -10.45
CA VAL A 116 14.10 3.90 -9.36
C VAL A 116 14.32 2.71 -8.43
N GLN A 117 14.58 2.99 -7.15
CA GLN A 117 14.78 1.96 -6.14
C GLN A 117 13.42 1.41 -5.74
N TRP A 118 12.91 0.49 -6.56
CA TRP A 118 11.60 -0.09 -6.28
C TRP A 118 11.60 -0.90 -4.99
N LEU A 119 12.74 -1.51 -4.65
CA LEU A 119 12.83 -2.29 -3.41
C LEU A 119 12.49 -1.43 -2.20
N ARG A 120 13.01 -0.20 -2.19
CA ARG A 120 12.75 0.72 -1.08
C ARG A 120 11.26 0.98 -0.89
N TYR A 121 10.58 1.36 -1.98
CA TYR A 121 9.18 1.74 -1.86
C TYR A 121 8.27 0.53 -1.64
N ALA A 122 8.63 -0.60 -2.23
CA ALA A 122 7.89 -1.84 -1.96
C ALA A 122 8.01 -2.23 -0.49
N GLU A 123 9.20 -2.12 0.09
CA GLU A 123 9.36 -2.42 1.50
C GLU A 123 8.64 -1.40 2.37
N TRP A 124 8.62 -0.14 1.95
CA TRP A 124 7.82 0.86 2.68
C TRP A 124 6.35 0.46 2.68
N LEU A 125 5.81 0.11 1.52
CA LEU A 125 4.43 -0.36 1.43
C LEU A 125 4.17 -1.59 2.27
N LEU A 126 5.14 -2.48 2.41
CA LEU A 126 4.99 -3.68 3.23
C LEU A 126 5.09 -3.41 4.73
N THR A 127 5.94 -2.47 5.16
CA THR A 127 6.23 -2.29 6.57
C THR A 127 5.45 -1.15 7.21
N CYS A 128 5.46 0.03 6.58
CA CYS A 128 4.85 1.21 7.18
C CYS A 128 3.39 1.01 7.56
N PRO A 129 2.53 0.38 6.76
CA PRO A 129 1.19 0.05 7.26
C PRO A 129 1.22 -0.79 8.52
N VAL A 130 2.14 -1.76 8.60
CA VAL A 130 2.25 -2.58 9.80
C VAL A 130 2.82 -1.77 10.96
N ILE A 131 3.77 -0.88 10.68
CA ILE A 131 4.29 -0.01 11.73
C ILE A 131 3.19 0.86 12.30
N LEU A 132 2.27 1.35 11.46
CA LEU A 132 1.16 2.16 11.93
C LEU A 132 0.07 1.34 12.61
N ILE A 133 -0.16 0.10 12.15
CA ILE A 133 -1.02 -0.83 12.89
C ILE A 133 -0.47 -1.11 14.27
N HIS A 134 0.85 -1.11 14.43
CA HIS A 134 1.50 -1.14 15.73
C HIS A 134 1.37 0.17 16.49
N LEU A 135 1.43 1.31 15.79
CA LEU A 135 1.26 2.61 16.43
C LEU A 135 -0.13 2.73 17.04
N SER A 136 -1.16 2.43 16.25
CA SER A 136 -2.46 2.15 16.83
C SER A 136 -2.32 0.90 17.69
N ASN A 137 -3.04 0.86 18.81
CA ASN A 137 -2.87 -0.24 19.74
C ASN A 137 -1.43 -0.33 20.22
N LEU A 138 -0.91 0.75 20.81
CA LEU A 138 0.45 0.74 21.35
C LEU A 138 0.57 -0.32 22.45
N THR A 139 -0.40 -0.36 23.35
CA THR A 139 -0.51 -1.46 24.30
C THR A 139 -1.30 -2.58 23.65
N GLY A 140 -0.68 -3.74 23.48
CA GLY A 140 -1.30 -4.79 22.69
C GLY A 140 -2.48 -5.46 23.37
N LEU A 141 -3.43 -4.64 23.83
CA LEU A 141 -4.64 -5.14 24.49
C LEU A 141 -5.91 -4.85 23.73
N SER A 142 -6.00 -3.71 23.06
CA SER A 142 -7.22 -3.33 22.36
C SER A 142 -7.35 -4.19 21.11
N ASN A 143 -8.17 -5.24 21.19
CA ASN A 143 -8.45 -6.07 20.03
C ASN A 143 -9.25 -5.34 18.96
N ASP A 144 -9.82 -4.19 19.30
CA ASP A 144 -10.52 -3.36 18.35
C ASP A 144 -9.64 -2.20 17.90
N TYR A 145 -10.05 -1.56 16.81
CA TYR A 145 -9.35 -0.41 16.25
C TYR A 145 -10.36 0.72 16.06
N SER A 146 -9.95 1.77 15.36
CA SER A 146 -10.83 2.91 15.17
C SER A 146 -10.75 3.44 13.74
N ARG A 147 -11.57 4.45 13.43
CA ARG A 147 -11.49 5.12 12.14
C ARG A 147 -10.20 5.93 11.99
N ARG A 148 -9.62 6.36 13.11
CA ARG A 148 -8.32 7.03 13.06
C ARG A 148 -7.23 6.11 12.53
N THR A 149 -7.29 4.82 12.87
CA THR A 149 -6.35 3.86 12.32
C THR A 149 -6.50 3.76 10.80
N MET A 150 -7.74 3.72 10.32
CA MET A 150 -7.98 3.70 8.88
C MET A 150 -7.46 4.96 8.21
N GLY A 151 -7.68 6.12 8.83
CA GLY A 151 -7.13 7.34 8.28
C GLY A 151 -5.61 7.30 8.20
N LEU A 152 -4.98 6.82 9.28
CA LEU A 152 -3.52 6.65 9.29
C LEU A 152 -3.07 5.77 8.15
N LEU A 153 -3.69 4.60 8.01
CA LEU A 153 -3.25 3.63 7.00
C LEU A 153 -3.47 4.17 5.59
N VAL A 154 -4.62 4.78 5.34
CA VAL A 154 -4.91 5.31 4.01
C VAL A 154 -3.93 6.43 3.65
N SER A 155 -3.69 7.34 4.61
CA SER A 155 -2.74 8.42 4.35
C SER A 155 -1.33 7.89 4.13
N ASP A 156 -0.92 6.88 4.88
CA ASP A 156 0.42 6.32 4.73
C ASP A 156 0.59 5.63 3.38
N ILE A 157 -0.39 4.81 3.00
CA ILE A 157 -0.32 4.16 1.69
C ILE A 157 -0.29 5.21 0.59
N GLY A 158 -1.13 6.24 0.73
CA GLY A 158 -1.15 7.30 -0.28
C GLY A 158 0.17 8.02 -0.39
N THR A 159 0.79 8.34 0.76
CA THR A 159 2.05 9.07 0.71
C THR A 159 3.18 8.21 0.14
N ILE A 160 3.19 6.91 0.45
CA ILE A 160 4.18 6.03 -0.17
C ILE A 160 3.95 5.94 -1.67
N VAL A 161 2.69 5.85 -2.09
CA VAL A 161 2.37 5.75 -3.52
C VAL A 161 2.82 7.02 -4.25
N TRP A 162 2.53 8.18 -3.67
CA TRP A 162 2.91 9.44 -4.30
C TRP A 162 4.43 9.61 -4.30
N GLY A 163 5.11 9.13 -3.26
CA GLY A 163 6.56 9.20 -3.26
C GLY A 163 7.20 8.30 -4.30
N ALA A 164 6.68 7.08 -4.45
CA ALA A 164 7.19 6.20 -5.51
C ALA A 164 6.92 6.80 -6.88
N THR A 165 5.73 7.35 -7.07
CA THR A 165 5.41 8.01 -8.34
C THR A 165 6.34 9.19 -8.60
N SER A 166 6.65 9.98 -7.57
CA SER A 166 7.59 11.08 -7.73
C SER A 166 8.98 10.58 -8.07
N ALA A 167 9.39 9.46 -7.48
CA ALA A 167 10.68 8.86 -7.82
C ALA A 167 10.73 8.42 -9.27
N MET A 168 9.63 7.90 -9.81
CA MET A 168 9.56 7.54 -11.22
C MET A 168 9.15 8.70 -12.12
N ALA A 169 8.92 9.90 -11.57
CA ALA A 169 8.16 10.90 -12.29
C ALA A 169 9.00 11.80 -13.19
N THR A 170 10.19 12.21 -12.71
CA THR A 170 11.12 13.17 -13.31
C THR A 170 10.47 14.45 -13.83
N GLY A 171 10.98 15.60 -13.39
CA GLY A 171 10.50 16.88 -13.86
C GLY A 171 9.54 17.57 -12.92
N TYR A 172 8.63 18.39 -13.46
CA TYR A 172 7.61 19.03 -12.65
C TYR A 172 6.58 18.03 -12.15
N VAL A 173 6.38 16.92 -12.86
CA VAL A 173 5.53 15.84 -12.36
C VAL A 173 6.11 15.28 -11.07
N LYS A 174 7.44 15.19 -10.97
CA LYS A 174 8.07 14.75 -9.74
C LYS A 174 7.75 15.70 -8.59
N VAL A 175 7.82 17.02 -8.84
CA VAL A 175 7.51 18.00 -7.81
C VAL A 175 6.05 17.88 -7.39
N ILE A 176 5.15 17.74 -8.37
CA ILE A 176 3.73 17.65 -8.07
C ILE A 176 3.43 16.43 -7.21
N PHE A 177 4.00 15.28 -7.59
CA PHE A 177 3.71 14.06 -6.85
C PHE A 177 4.39 14.04 -5.48
N PHE A 178 5.56 14.68 -5.35
CA PHE A 178 6.15 14.77 -4.02
C PHE A 178 5.38 15.73 -3.14
N CYS A 179 4.77 16.77 -3.71
CA CYS A 179 3.90 17.64 -2.92
C CYS A 179 2.63 16.93 -2.49
N LEU A 180 2.06 16.10 -3.37
CA LEU A 180 0.93 15.26 -2.98
C LEU A 180 1.32 14.31 -1.86
N GLY A 181 2.50 13.68 -1.98
CA GLY A 181 3.00 12.84 -0.90
C GLY A 181 3.26 13.62 0.36
N LEU A 182 3.68 14.88 0.25
CA LEU A 182 3.88 15.72 1.42
C LEU A 182 2.56 16.00 2.13
N CYS A 183 1.50 16.26 1.37
CA CYS A 183 0.18 16.46 1.97
C CYS A 183 -0.31 15.19 2.67
N TYR A 184 -0.20 14.05 1.98
CA TYR A 184 -0.60 12.79 2.59
C TYR A 184 0.25 12.46 3.82
N GLY A 185 1.55 12.74 3.77
CA GLY A 185 2.40 12.51 4.91
C GLY A 185 2.16 13.47 6.05
N ALA A 186 1.72 14.69 5.74
CA ALA A 186 1.30 15.60 6.79
C ALA A 186 0.08 15.06 7.51
N ASN A 187 -0.89 14.54 6.75
CA ASN A 187 -2.04 13.88 7.39
C ASN A 187 -1.58 12.68 8.21
N THR A 188 -0.65 11.88 7.68
CA THR A 188 -0.14 10.72 8.40
C THR A 188 0.54 11.13 9.69
N PHE A 189 1.36 12.19 9.65
CA PHE A 189 2.05 12.66 10.83
C PHE A 189 1.09 13.21 11.86
N PHE A 190 0.05 13.93 11.42
CA PHE A 190 -0.94 14.45 12.36
C PHE A 190 -1.66 13.31 13.06
N HIS A 191 -2.10 12.30 12.30
CA HIS A 191 -2.76 11.15 12.90
C HIS A 191 -1.83 10.37 13.81
N ALA A 192 -0.55 10.23 13.43
CA ALA A 192 0.42 9.55 14.27
C ALA A 192 0.68 10.30 15.57
N ALA A 193 0.71 11.64 15.50
CA ALA A 193 0.88 12.44 16.72
C ALA A 193 -0.32 12.28 17.64
N LYS A 194 -1.53 12.28 17.09
CA LYS A 194 -2.71 12.04 17.92
C LYS A 194 -2.66 10.65 18.54
N ALA A 195 -2.27 9.64 17.75
CA ALA A 195 -2.15 8.28 18.28
C ALA A 195 -1.10 8.20 19.36
N TYR A 196 0.02 8.91 19.21
CA TYR A 196 1.06 8.91 20.23
C TYR A 196 0.62 9.60 21.51
N ILE A 197 -0.14 10.70 21.40
CA ILE A 197 -0.67 11.34 22.59
C ILE A 197 -1.65 10.41 23.31
N GLU A 198 -2.52 9.76 22.54
CA GLU A 198 -3.47 8.82 23.14
C GLU A 198 -2.74 7.66 23.81
N GLY A 199 -1.70 7.13 23.15
CA GLY A 199 -0.93 6.06 23.75
C GLY A 199 -0.20 6.49 25.01
N TYR A 200 0.36 7.71 24.99
CA TYR A 200 1.00 8.25 26.18
C TYR A 200 0.03 8.34 27.34
N HIS A 201 -1.21 8.74 27.06
CA HIS A 201 -2.19 8.90 28.13
C HIS A 201 -2.94 7.61 28.47
N THR A 202 -2.74 6.53 27.72
CA THR A 202 -3.37 5.25 28.04
C THR A 202 -2.43 4.26 28.70
N VAL A 203 -1.12 4.50 28.68
CA VAL A 203 -0.16 3.62 29.35
C VAL A 203 -0.03 4.04 30.80
N PRO A 204 0.40 3.15 31.70
CA PRO A 204 0.57 3.54 33.10
C PRO A 204 1.64 4.62 33.25
N LYS A 205 1.47 5.45 34.27
CA LYS A 205 2.44 6.48 34.57
C LYS A 205 3.75 5.87 35.03
N GLY A 206 4.85 6.38 34.49
CA GLY A 206 6.16 5.86 34.83
C GLY A 206 6.99 5.47 33.63
N ARG A 207 7.52 4.24 33.63
CA ARG A 207 8.39 3.81 32.54
C ARG A 207 7.62 3.65 31.23
N CYS A 208 6.34 3.27 31.31
CA CYS A 208 5.57 3.03 30.10
C CYS A 208 5.46 4.28 29.25
N ARG A 209 5.16 5.42 29.86
CA ARG A 209 5.06 6.66 29.10
C ARG A 209 6.42 7.18 28.67
N GLN A 210 7.49 6.88 29.41
CA GLN A 210 8.83 7.18 28.92
C GLN A 210 9.13 6.39 27.64
N VAL A 211 8.74 5.12 27.61
CA VAL A 211 8.93 4.32 26.40
C VAL A 211 8.07 4.86 25.26
N VAL A 212 6.85 5.32 25.57
CA VAL A 212 6.01 5.92 24.54
C VAL A 212 6.65 7.17 23.98
N THR A 213 7.23 8.00 24.86
CA THR A 213 7.93 9.21 24.40
C THR A 213 9.12 8.86 23.52
N GLY A 214 9.89 7.84 23.91
CA GLY A 214 11.01 7.41 23.09
C GLY A 214 10.57 6.90 21.73
N MET A 215 9.47 6.13 21.70
CA MET A 215 8.92 5.66 20.44
C MET A 215 8.48 6.83 19.58
N ALA A 216 7.84 7.83 20.17
CA ALA A 216 7.41 9.00 19.41
C ALA A 216 8.61 9.74 18.83
N TRP A 217 9.66 9.90 19.62
CA TRP A 217 10.86 10.59 19.13
C TRP A 217 11.49 9.82 17.98
N LEU A 218 11.69 8.51 18.13
CA LEU A 218 12.25 7.70 17.07
C LEU A 218 11.39 7.78 15.82
N PHE A 219 10.08 7.59 15.99
CA PHE A 219 9.13 7.61 14.87
C PHE A 219 9.23 8.91 14.10
N PHE A 220 9.13 10.04 14.80
CA PHE A 220 9.06 11.31 14.10
C PHE A 220 10.41 11.67 13.48
N VAL A 221 11.52 11.43 14.18
CA VAL A 221 12.82 11.74 13.61
C VAL A 221 13.07 10.93 12.35
N SER A 222 12.88 9.61 12.41
CA SER A 222 13.16 8.77 11.24
C SER A 222 12.17 9.03 10.11
N TRP A 223 10.88 9.11 10.43
CA TRP A 223 9.86 9.30 9.40
C TRP A 223 9.94 10.68 8.77
N GLY A 224 10.49 11.67 9.48
CA GLY A 224 10.78 12.94 8.86
C GLY A 224 12.06 12.96 8.07
N MET A 225 13.04 12.13 8.46
CA MET A 225 14.25 12.00 7.67
C MET A 225 14.03 11.30 6.34
N PHE A 226 12.99 10.47 6.25
CA PHE A 226 12.72 9.79 4.97
C PHE A 226 12.45 10.76 3.82
N PRO A 227 11.52 11.72 3.92
CA PRO A 227 11.38 12.70 2.82
C PRO A 227 12.60 13.57 2.61
N ILE A 228 13.35 13.86 3.67
CA ILE A 228 14.59 14.64 3.51
C ILE A 228 15.58 13.86 2.65
N LEU A 229 15.72 12.56 2.90
CA LEU A 229 16.61 11.75 2.08
C LEU A 229 16.07 11.58 0.67
N PHE A 230 14.75 11.56 0.50
CA PHE A 230 14.17 11.56 -0.84
C PHE A 230 14.58 12.81 -1.59
N ILE A 231 14.49 13.97 -0.93
CA ILE A 231 14.87 15.23 -1.57
C ILE A 231 16.36 15.23 -1.90
N LEU A 232 17.19 14.74 -0.97
CA LEU A 232 18.64 14.76 -1.15
C LEU A 232 19.14 13.66 -2.07
N GLY A 233 18.35 12.61 -2.30
CA GLY A 233 18.80 11.49 -3.06
C GLY A 233 18.70 11.69 -4.56
N PRO A 234 19.07 10.67 -5.34
CA PRO A 234 18.91 10.76 -6.79
C PRO A 234 17.47 10.94 -7.23
N GLU A 235 16.52 10.46 -6.44
CA GLU A 235 15.10 10.63 -6.75
C GLU A 235 14.65 12.08 -6.67
N GLY A 236 15.42 12.94 -6.03
CA GLY A 236 15.13 14.37 -6.00
C GLY A 236 16.28 15.16 -6.56
N PHE A 237 16.83 16.08 -5.75
CA PHE A 237 18.06 16.77 -6.09
C PHE A 237 19.22 15.83 -5.79
N GLY A 238 19.93 15.39 -6.83
CA GLY A 238 21.01 14.46 -6.59
C GLY A 238 22.14 15.08 -5.80
N VAL A 239 22.23 14.73 -4.53
CA VAL A 239 23.26 15.25 -3.63
C VAL A 239 23.94 14.07 -2.96
N LEU A 240 23.21 12.96 -2.82
CA LEU A 240 23.65 11.86 -1.99
C LEU A 240 24.20 10.68 -2.77
N SER A 241 23.84 10.55 -4.05
CA SER A 241 24.17 9.38 -4.86
C SER A 241 23.42 8.16 -4.34
N VAL A 242 23.41 7.08 -5.13
CA VAL A 242 22.64 5.90 -4.74
C VAL A 242 23.19 5.28 -3.46
N TYR A 243 24.52 5.22 -3.35
CA TYR A 243 25.12 4.56 -2.20
C TYR A 243 24.99 5.40 -0.92
N GLY A 244 25.16 6.72 -1.02
CA GLY A 244 24.95 7.56 0.14
C GLY A 244 23.50 7.56 0.60
N SER A 245 22.57 7.58 -0.36
CA SER A 245 21.16 7.46 -0.02
C SER A 245 20.87 6.11 0.63
N THR A 246 21.52 5.05 0.15
CA THR A 246 21.35 3.74 0.76
C THR A 246 21.88 3.72 2.18
N VAL A 247 23.01 4.38 2.43
CA VAL A 247 23.57 4.47 3.78
C VAL A 247 22.58 5.15 4.71
N GLY A 248 22.08 6.33 4.30
CA GLY A 248 21.14 7.06 5.14
C GLY A 248 19.85 6.30 5.36
N HIS A 249 19.33 5.65 4.31
CA HIS A 249 18.09 4.90 4.44
C HIS A 249 18.27 3.67 5.31
N THR A 250 19.44 3.03 5.25
CA THR A 250 19.72 1.92 6.15
C THR A 250 19.73 2.39 7.60
N ILE A 251 20.35 3.55 7.86
CA ILE A 251 20.38 4.06 9.23
C ILE A 251 18.96 4.34 9.72
N ILE A 252 18.16 5.05 8.91
CA ILE A 252 16.82 5.41 9.39
C ILE A 252 15.84 4.24 9.33
N ASP A 253 16.15 3.19 8.56
CA ASP A 253 15.37 1.96 8.66
C ASP A 253 15.69 1.19 9.93
N LEU A 254 16.97 1.10 10.30
CA LEU A 254 17.34 0.54 11.58
C LEU A 254 16.72 1.32 12.73
N MET A 255 16.57 2.64 12.58
CA MET A 255 15.89 3.45 13.58
C MET A 255 14.38 3.23 13.61
N SER A 256 13.73 3.20 12.44
CA SER A 256 12.28 3.21 12.38
C SER A 256 11.65 1.83 12.39
N LYS A 257 12.40 0.79 11.99
CA LYS A 257 11.86 -0.55 11.90
C LYS A 257 12.34 -1.43 13.05
N ASN A 258 13.65 -1.53 13.25
CA ASN A 258 14.19 -2.43 14.27
C ASN A 258 14.12 -1.79 15.66
N CYS A 259 14.66 -0.58 15.80
CA CYS A 259 14.69 0.06 17.11
C CYS A 259 13.30 0.43 17.58
N TRP A 260 12.47 0.99 16.69
CA TRP A 260 11.11 1.35 17.07
C TRP A 260 10.28 0.12 17.41
N GLY A 261 10.44 -0.95 16.64
CA GLY A 261 9.74 -2.19 16.94
C GLY A 261 10.17 -2.81 18.26
N LEU A 262 11.48 -2.77 18.54
CA LEU A 262 11.96 -3.27 19.83
C LEU A 262 11.44 -2.43 20.98
N LEU A 263 11.37 -1.11 20.81
CA LEU A 263 10.78 -0.26 21.84
C LEU A 263 9.30 -0.57 22.03
N GLY A 264 8.56 -0.82 20.95
CA GLY A 264 7.17 -1.20 21.09
C GLY A 264 7.00 -2.54 21.78
N HIS A 265 7.88 -3.49 21.48
CA HIS A 265 7.85 -4.77 22.17
C HIS A 265 8.13 -4.60 23.66
N TYR A 266 9.09 -3.73 24.00
CA TYR A 266 9.36 -3.45 25.41
C TYR A 266 8.16 -2.80 26.08
N LEU A 267 7.50 -1.88 25.37
CA LEU A 267 6.30 -1.25 25.91
C LEU A 267 5.21 -2.28 26.19
N ARG A 268 5.00 -3.21 25.25
CA ARG A 268 3.99 -4.25 25.45
C ARG A 268 4.37 -5.19 26.58
N VAL A 269 5.65 -5.50 26.73
CA VAL A 269 6.11 -6.32 27.86
C VAL A 269 5.83 -5.60 29.18
N LEU A 270 6.10 -4.29 29.23
CA LEU A 270 5.82 -3.52 30.43
C LEU A 270 4.33 -3.50 30.73
N ILE A 271 3.50 -3.35 29.70
CA ILE A 271 2.05 -3.37 29.90
C ILE A 271 1.60 -4.71 30.45
N HIS A 272 2.13 -5.80 29.91
CA HIS A 272 1.78 -7.13 30.39
C HIS A 272 2.18 -7.31 31.85
N GLU A 273 3.38 -6.87 32.21
CA GLU A 273 3.82 -6.98 33.60
C GLU A 273 2.96 -6.14 34.52
N HIS A 274 2.59 -4.94 34.08
CA HIS A 274 1.72 -4.07 34.87
C HIS A 274 0.37 -4.72 35.11
N ILE A 275 -0.20 -5.33 34.06
CA ILE A 275 -1.48 -6.03 34.21
C ILE A 275 -1.33 -7.21 35.17
N LEU A 276 -0.21 -7.93 35.08
CA LEU A 276 0.02 -9.06 35.98
C LEU A 276 0.08 -8.59 37.43
N ILE A 277 0.72 -7.45 37.69
CA ILE A 277 0.84 -6.96 39.05
C ILE A 277 -0.46 -6.29 39.51
N HIS A 278 -0.88 -5.23 38.81
CA HIS A 278 -2.04 -4.46 39.25
C HIS A 278 -3.31 -4.74 38.46
N GLY A 279 -3.20 -4.95 37.15
CA GLY A 279 -4.37 -5.12 36.31
C GLY A 279 -5.16 -6.38 36.60
N CYS B 34 18.18 6.19 -25.13
CA CYS B 34 17.33 5.14 -24.60
C CYS B 34 16.46 4.55 -25.71
N TYR B 35 16.96 3.51 -26.40
CA TYR B 35 16.25 2.98 -27.55
C TYR B 35 15.38 1.82 -27.11
N CYS B 36 15.93 0.70 -26.65
CA CYS B 36 15.19 -0.41 -26.05
C CYS B 36 13.95 -0.80 -26.85
N ALA B 37 14.14 -1.39 -28.04
CA ALA B 37 13.06 -1.59 -29.01
C ALA B 37 11.81 -2.24 -28.43
N GLY B 38 11.89 -2.84 -27.24
CA GLY B 38 10.69 -3.36 -26.62
C GLY B 38 9.71 -2.29 -26.19
N TRP B 39 10.15 -1.03 -26.13
CA TRP B 39 9.27 0.05 -25.70
C TRP B 39 8.26 0.42 -26.77
N ILE B 40 8.59 0.20 -28.04
CA ILE B 40 7.67 0.53 -29.12
C ILE B 40 6.61 -0.55 -29.21
N GLU B 41 7.02 -1.78 -29.52
CA GLU B 41 6.13 -2.93 -29.70
C GLU B 41 4.85 -2.53 -30.42
N SER B 42 3.71 -2.76 -29.79
CA SER B 42 2.41 -2.35 -30.31
C SER B 42 1.44 -2.26 -29.15
N ARG B 43 0.77 -1.13 -29.02
CA ARG B 43 -0.17 -0.94 -27.91
C ARG B 43 -1.47 -1.70 -28.13
N GLY B 44 -1.90 -1.85 -29.37
CA GLY B 44 -3.16 -2.52 -29.64
C GLY B 44 -3.43 -2.63 -31.11
N THR B 45 -4.69 -2.92 -31.45
CA THR B 45 -5.09 -3.18 -32.83
C THR B 45 -5.94 -2.05 -33.41
N ASN B 46 -6.00 -0.91 -32.72
CA ASN B 46 -6.70 0.30 -33.17
C ASN B 46 -8.21 0.08 -33.05
N GLY B 47 -8.61 -1.15 -32.76
CA GLY B 47 -9.98 -1.39 -32.34
C GLY B 47 -10.07 -1.55 -30.84
N ALA B 48 -9.10 -2.24 -30.25
CA ALA B 48 -8.98 -2.27 -28.81
C ALA B 48 -8.69 -0.88 -28.25
N GLN B 49 -7.98 -0.05 -29.02
CA GLN B 49 -7.75 1.34 -28.60
C GLN B 49 -9.06 2.11 -28.52
N THR B 50 -9.90 1.97 -29.55
CA THR B 50 -11.20 2.65 -29.54
C THR B 50 -12.09 2.11 -28.43
N ALA B 51 -12.10 0.79 -28.21
CA ALA B 51 -12.87 0.22 -27.12
C ALA B 51 -12.37 0.73 -25.77
N SER B 52 -11.05 0.84 -25.61
CA SER B 52 -10.49 1.38 -24.37
C SER B 52 -10.89 2.83 -24.16
N ASN B 53 -10.85 3.64 -25.22
CA ASN B 53 -11.22 5.04 -25.10
C ASN B 53 -12.70 5.18 -24.75
N VAL B 54 -13.56 4.38 -25.39
CA VAL B 54 -14.99 4.44 -25.12
C VAL B 54 -15.27 4.02 -23.69
N LEU B 55 -14.62 2.94 -23.24
CA LEU B 55 -14.81 2.48 -21.87
C LEU B 55 -14.26 3.47 -20.85
N GLN B 56 -13.17 4.16 -21.17
CA GLN B 56 -12.66 5.20 -20.29
C GLN B 56 -13.65 6.36 -20.20
N TRP B 57 -14.24 6.76 -21.32
CA TRP B 57 -15.25 7.81 -21.28
C TRP B 57 -16.45 7.39 -20.44
N LEU B 58 -16.90 6.14 -20.62
CA LEU B 58 -18.04 5.64 -19.84
C LEU B 58 -17.69 5.57 -18.36
N ALA B 59 -16.48 5.11 -18.03
CA ALA B 59 -16.07 5.03 -16.64
C ALA B 59 -15.97 6.41 -16.01
N ALA B 60 -15.42 7.38 -16.75
CA ALA B 60 -15.35 8.74 -16.24
C ALA B 60 -16.74 9.32 -16.01
N GLY B 61 -17.66 9.10 -16.95
CA GLY B 61 -19.01 9.59 -16.78
C GLY B 61 -19.71 8.96 -15.59
N PHE B 62 -19.56 7.64 -15.44
CA PHE B 62 -20.16 6.96 -14.30
C PHE B 62 -19.55 7.41 -12.99
N SER B 63 -18.24 7.62 -12.95
CA SER B 63 -17.60 8.12 -11.74
C SER B 63 -18.06 9.52 -11.40
N ILE B 64 -18.21 10.38 -12.41
CA ILE B 64 -18.69 11.75 -12.17
C ILE B 64 -20.11 11.72 -11.62
N LEU B 65 -20.99 10.91 -12.24
CA LEU B 65 -22.36 10.82 -11.77
C LEU B 65 -22.44 10.22 -10.37
N LEU B 66 -21.60 9.21 -10.08
CA LEU B 66 -21.60 8.61 -8.76
C LEU B 66 -21.08 9.58 -7.71
N LEU B 67 -20.07 10.39 -8.05
CA LEU B 67 -19.59 11.39 -7.11
C LEU B 67 -20.63 12.47 -6.87
N MET B 68 -21.35 12.88 -7.91
CA MET B 68 -22.43 13.83 -7.73
C MET B 68 -23.51 13.27 -6.82
N PHE B 69 -23.88 12.00 -7.06
CA PHE B 69 -24.89 11.35 -6.21
C PHE B 69 -24.40 11.23 -4.78
N TYR B 70 -23.12 10.90 -4.58
CA TYR B 70 -22.57 10.77 -3.23
C TYR B 70 -22.55 12.12 -2.52
N ALA B 71 -22.21 13.20 -3.23
CA ALA B 71 -22.26 14.52 -2.64
C ALA B 71 -23.69 14.89 -2.25
N TYR B 72 -24.64 14.58 -3.12
CA TYR B 72 -26.05 14.80 -2.79
C TYR B 72 -26.45 14.02 -1.56
N GLN B 73 -25.96 12.78 -1.43
CA GLN B 73 -26.27 11.97 -0.26
C GLN B 73 -25.69 12.58 1.02
N THR B 74 -24.39 12.91 1.00
CA THR B 74 -23.79 13.53 2.17
C THR B 74 -24.52 14.80 2.57
N TRP B 75 -25.00 15.56 1.58
CA TRP B 75 -25.76 16.76 1.91
C TRP B 75 -27.12 16.41 2.51
N LYS B 76 -27.79 15.38 1.98
CA LYS B 76 -29.10 15.00 2.48
C LYS B 76 -29.07 13.76 3.38
N SER B 77 -28.62 12.63 2.82
CA SER B 77 -28.67 11.34 3.48
C SER B 77 -27.39 11.02 4.24
N THR B 78 -27.20 9.76 4.61
CA THR B 78 -25.96 9.29 5.19
C THR B 78 -25.13 8.63 4.09
N CYS B 79 -23.89 9.09 3.92
CA CYS B 79 -22.97 8.50 2.96
C CYS B 79 -21.61 8.30 3.61
N GLY B 80 -20.93 7.22 3.22
CA GLY B 80 -19.63 6.89 3.76
C GLY B 80 -18.51 7.51 2.93
N TRP B 81 -17.34 7.64 3.59
CA TRP B 81 -16.19 8.21 2.92
C TRP B 81 -15.53 7.23 1.95
N GLU B 82 -15.70 5.92 2.19
CA GLU B 82 -15.01 4.92 1.38
C GLU B 82 -15.47 4.97 -0.07
N GLU B 83 -16.78 5.01 -0.29
CA GLU B 83 -17.30 5.04 -1.66
C GLU B 83 -16.87 6.30 -2.38
N ILE B 84 -16.93 7.44 -1.71
CA ILE B 84 -16.54 8.71 -2.33
C ILE B 84 -15.06 8.69 -2.68
N TYR B 85 -14.22 8.22 -1.76
CA TYR B 85 -12.78 8.19 -2.02
C TYR B 85 -12.45 7.25 -3.17
N VAL B 86 -13.07 6.07 -3.18
CA VAL B 86 -12.81 5.10 -4.24
C VAL B 86 -13.26 5.65 -5.58
N CYS B 87 -14.44 6.28 -5.63
CA CYS B 87 -14.93 6.84 -6.88
C CYS B 87 -14.05 7.99 -7.36
N ALA B 88 -13.57 8.84 -6.44
CA ALA B 88 -12.71 9.94 -6.83
C ALA B 88 -11.40 9.44 -7.41
N ILE B 89 -10.79 8.44 -6.75
CA ILE B 89 -9.56 7.87 -7.28
C ILE B 89 -9.81 7.19 -8.63
N GLU B 90 -10.95 6.53 -8.77
CA GLU B 90 -11.28 5.89 -10.05
C GLU B 90 -11.43 6.93 -11.16
N MET B 91 -12.09 8.04 -10.87
CA MET B 91 -12.24 9.11 -11.85
C MET B 91 -10.89 9.68 -12.25
N VAL B 92 -10.03 9.94 -11.26
CA VAL B 92 -8.71 10.49 -11.55
C VAL B 92 -7.90 9.51 -12.39
N LYS B 93 -7.94 8.23 -12.02
CA LYS B 93 -7.20 7.22 -12.77
C LYS B 93 -7.72 7.09 -14.18
N VAL B 94 -9.04 7.17 -14.37
CA VAL B 94 -9.61 7.06 -15.71
C VAL B 94 -9.18 8.24 -16.57
N ILE B 95 -9.20 9.46 -16.02
CA ILE B 95 -8.76 10.62 -16.79
C ILE B 95 -7.27 10.50 -17.13
N LEU B 96 -6.46 10.11 -16.15
CA LEU B 96 -5.03 9.95 -16.39
C LEU B 96 -4.71 8.83 -17.37
N GLU B 97 -5.54 7.78 -17.40
CA GLU B 97 -5.36 6.72 -18.38
C GLU B 97 -5.84 7.12 -19.77
N PHE B 98 -6.84 8.00 -19.85
CA PHE B 98 -7.21 8.52 -21.16
C PHE B 98 -6.13 9.42 -21.72
N PHE B 99 -5.50 10.24 -20.88
CA PHE B 99 -4.61 11.27 -21.38
C PHE B 99 -3.14 10.85 -21.43
N PHE B 100 -2.62 10.19 -20.40
CA PHE B 100 -1.21 9.91 -20.28
C PHE B 100 -0.92 8.45 -19.97
N GLU B 101 -1.76 7.52 -20.47
CA GLU B 101 -1.60 6.12 -20.10
C GLU B 101 -0.22 5.58 -20.47
N PHE B 102 0.30 5.98 -21.63
CA PHE B 102 1.58 5.48 -22.13
C PHE B 102 2.71 6.46 -21.85
N LYS B 103 2.56 7.26 -20.80
CA LYS B 103 3.59 8.18 -20.34
C LYS B 103 4.08 7.75 -18.97
N ASN B 104 5.03 8.51 -18.45
CA ASN B 104 5.68 8.23 -17.18
C ASN B 104 4.68 8.49 -16.05
N PRO B 105 4.97 8.12 -14.77
CA PRO B 105 3.92 7.77 -13.81
C PRO B 105 2.64 7.13 -14.32
N SER B 106 2.62 6.59 -15.52
CA SER B 106 1.51 5.76 -15.94
C SER B 106 2.06 4.52 -16.62
N MET B 107 3.24 4.67 -17.21
CA MET B 107 3.91 3.58 -17.91
C MET B 107 5.40 3.73 -17.68
N LEU B 108 5.95 2.89 -16.81
CA LEU B 108 7.40 2.76 -16.66
C LEU B 108 7.91 1.83 -17.75
N TYR B 109 8.95 2.28 -18.46
CA TYR B 109 9.32 1.57 -19.67
C TYR B 109 10.41 0.53 -19.43
N LEU B 110 11.30 0.77 -18.46
CA LEU B 110 12.21 -0.25 -17.93
C LEU B 110 13.30 -0.64 -18.92
N ALA B 111 14.51 -0.88 -18.40
CA ALA B 111 15.61 -1.37 -19.22
C ALA B 111 15.36 -2.79 -19.72
N THR B 112 14.44 -3.52 -19.11
CA THR B 112 14.16 -4.88 -19.52
C THR B 112 13.29 -4.96 -20.77
N GLY B 113 12.80 -3.81 -21.26
CA GLY B 113 11.92 -3.77 -22.40
C GLY B 113 10.46 -3.95 -22.07
N HIS B 114 10.10 -4.02 -20.79
CA HIS B 114 8.73 -4.24 -20.35
C HIS B 114 8.12 -2.91 -19.94
N ARG B 115 6.99 -2.56 -20.54
CA ARG B 115 6.27 -1.35 -20.16
C ARG B 115 5.35 -1.67 -18.98
N VAL B 116 5.64 -1.09 -17.82
CA VAL B 116 4.90 -1.39 -16.60
C VAL B 116 3.85 -0.31 -16.39
N GLN B 117 2.58 -0.73 -16.29
CA GLN B 117 1.47 0.19 -16.05
C GLN B 117 1.45 0.55 -14.58
N TRP B 118 2.30 1.52 -14.22
CA TRP B 118 2.38 1.94 -12.83
C TRP B 118 1.09 2.57 -12.35
N LEU B 119 0.37 3.24 -13.25
CA LEU B 119 -0.91 3.86 -12.88
C LEU B 119 -1.87 2.83 -12.30
N ARG B 120 -1.93 1.66 -12.94
CA ARG B 120 -2.82 0.59 -12.49
C ARG B 120 -2.52 0.17 -11.06
N TYR B 121 -1.24 -0.13 -10.77
CA TYR B 121 -0.89 -0.65 -9.46
C TYR B 121 -0.93 0.43 -8.39
N ALA B 122 -0.59 1.66 -8.76
CA ALA B 122 -0.73 2.78 -7.82
C ALA B 122 -2.20 3.00 -7.45
N GLU B 123 -3.10 2.92 -8.43
CA GLU B 123 -4.52 3.06 -8.13
C GLU B 123 -5.02 1.88 -7.31
N TRP B 124 -4.50 0.68 -7.57
CA TRP B 124 -4.86 -0.47 -6.73
C TRP B 124 -4.44 -0.21 -5.28
N LEU B 125 -3.21 0.24 -5.07
CA LEU B 125 -2.74 0.58 -3.74
C LEU B 125 -3.57 1.67 -3.08
N LEU B 126 -4.09 2.62 -3.85
CA LEU B 126 -4.93 3.68 -3.32
C LEU B 126 -6.35 3.24 -3.00
N THR B 127 -6.93 2.34 -3.80
CA THR B 127 -8.35 2.01 -3.68
C THR B 127 -8.61 0.73 -2.90
N CYS B 128 -7.91 -0.35 -3.24
CA CYS B 128 -8.18 -1.65 -2.63
C CYS B 128 -8.11 -1.63 -1.11
N PRO B 129 -7.14 -0.99 -0.46
CA PRO B 129 -7.24 -0.85 1.00
C PRO B 129 -8.51 -0.17 1.45
N VAL B 130 -8.96 0.86 0.73
CA VAL B 130 -10.21 1.53 1.07
C VAL B 130 -11.41 0.64 0.78
N ILE B 131 -11.35 -0.12 -0.32
CA ILE B 131 -12.43 -1.07 -0.62
C ILE B 131 -12.56 -2.10 0.49
N LEU B 132 -11.43 -2.56 1.05
CA LEU B 132 -11.46 -3.52 2.14
C LEU B 132 -11.84 -2.90 3.47
N ILE B 133 -11.45 -1.64 3.72
CA ILE B 133 -11.97 -0.89 4.87
C ILE B 133 -13.48 -0.73 4.79
N HIS B 134 -14.04 -0.63 3.58
CA HIS B 134 -15.47 -0.70 3.36
C HIS B 134 -16.03 -2.11 3.54
N LEU B 135 -15.28 -3.13 3.14
CA LEU B 135 -15.72 -4.51 3.32
C LEU B 135 -15.86 -4.83 4.80
N SER B 136 -14.82 -4.54 5.58
CA SER B 136 -15.00 -4.46 7.02
C SER B 136 -15.97 -3.32 7.29
N ASN B 137 -16.81 -3.48 8.31
CA ASN B 137 -17.85 -2.49 8.57
C ASN B 137 -18.75 -2.34 7.35
N LEU B 138 -19.36 -3.43 6.89
CA LEU B 138 -20.30 -3.36 5.77
C LEU B 138 -21.47 -2.44 6.11
N THR B 139 -22.03 -2.60 7.30
CA THR B 139 -23.00 -1.64 7.82
C THR B 139 -22.25 -0.53 8.52
N GLY B 140 -22.38 0.70 8.03
CA GLY B 140 -21.54 1.78 8.52
C GLY B 140 -21.88 2.24 9.91
N LEU B 141 -21.96 1.30 10.85
CA LEU B 141 -22.26 1.60 12.25
C LEU B 141 -21.11 1.29 13.19
N SER B 142 -20.35 0.23 12.94
CA SER B 142 -19.28 -0.17 13.84
C SER B 142 -18.13 0.82 13.70
N ASN B 143 -18.05 1.78 14.63
CA ASN B 143 -16.95 2.72 14.66
C ASN B 143 -15.62 2.06 15.01
N ASP B 144 -15.66 0.83 15.51
CA ASP B 144 -14.46 0.06 15.79
C ASP B 144 -14.21 -0.95 14.67
N TYR B 145 -12.99 -1.48 14.67
CA TYR B 145 -12.57 -2.48 13.70
C TYR B 145 -11.97 -3.66 14.46
N SER B 146 -11.34 -4.58 13.73
CA SER B 146 -10.79 -5.76 14.36
C SER B 146 -9.41 -6.10 13.80
N ARG B 147 -8.77 -7.13 14.36
CA ARG B 147 -7.51 -7.62 13.82
C ARG B 147 -7.69 -8.29 12.45
N ARG B 148 -8.89 -8.80 12.18
CA ARG B 148 -9.18 -9.34 10.85
C ARG B 148 -9.10 -8.26 9.78
N THR B 149 -9.52 -7.04 10.09
CA THR B 149 -9.37 -5.94 9.16
C THR B 149 -7.90 -5.66 8.87
N MET B 150 -7.07 -5.67 9.91
CA MET B 150 -5.63 -5.50 9.71
C MET B 150 -5.04 -6.61 8.87
N GLY B 151 -5.46 -7.86 9.11
CA GLY B 151 -4.99 -8.94 8.27
C GLY B 151 -5.38 -8.75 6.82
N LEU B 152 -6.64 -8.35 6.60
CA LEU B 152 -7.12 -8.05 5.24
C LEU B 152 -6.25 -7.00 4.58
N LEU B 153 -6.04 -5.88 5.28
CA LEU B 153 -5.30 -4.76 4.69
C LEU B 153 -3.85 -5.14 4.41
N VAL B 154 -3.21 -5.81 5.35
CA VAL B 154 -1.81 -6.20 5.17
C VAL B 154 -1.67 -7.16 4.00
N SER B 155 -2.56 -8.16 3.93
CA SER B 155 -2.51 -9.11 2.83
C SER B 155 -2.78 -8.44 1.49
N ASP B 156 -3.71 -7.49 1.45
CA ASP B 156 -4.03 -6.81 0.20
C ASP B 156 -2.87 -5.93 -0.27
N ILE B 157 -2.28 -5.17 0.65
CA ILE B 157 -1.13 -4.35 0.28
C ILE B 157 0.01 -5.24 -0.20
N GLY B 158 0.23 -6.36 0.51
CA GLY B 158 1.28 -7.28 0.09
C GLY B 158 1.05 -7.86 -1.28
N THR B 159 -0.20 -8.26 -1.57
CA THR B 159 -0.47 -8.86 -2.87
C THR B 159 -0.35 -7.84 -3.99
N ILE B 160 -0.77 -6.59 -3.75
CA ILE B 160 -0.57 -5.56 -4.76
C ILE B 160 0.92 -5.30 -4.98
N VAL B 161 1.70 -5.28 -3.90
CA VAL B 161 3.13 -5.03 -4.00
C VAL B 161 3.80 -6.15 -4.80
N TRP B 162 3.45 -7.39 -4.50
CA TRP B 162 4.04 -8.52 -5.21
C TRP B 162 3.60 -8.55 -6.66
N GLY B 163 2.36 -8.15 -6.95
CA GLY B 163 1.92 -8.07 -8.33
C GLY B 163 2.63 -7.00 -9.13
N ALA B 164 2.82 -5.82 -8.53
CA ALA B 164 3.58 -4.78 -9.21
C ALA B 164 5.02 -5.23 -9.43
N THR B 165 5.62 -5.86 -8.43
CA THR B 165 6.98 -6.38 -8.58
C THR B 165 7.05 -7.43 -9.69
N SER B 166 6.05 -8.30 -9.78
CA SER B 166 6.01 -9.29 -10.85
C SER B 166 5.87 -8.62 -12.21
N ALA B 167 5.08 -7.55 -12.28
CA ALA B 167 4.94 -6.80 -13.53
C ALA B 167 6.27 -6.18 -13.95
N MET B 168 7.06 -5.70 -13.00
CA MET B 168 8.39 -5.18 -13.31
C MET B 168 9.47 -6.24 -13.33
N ALA B 169 9.14 -7.52 -13.10
CA ALA B 169 10.14 -8.49 -12.71
C ALA B 169 10.82 -9.18 -13.88
N THR B 170 10.04 -9.53 -14.92
CA THR B 170 10.41 -10.33 -16.10
C THR B 170 11.22 -11.59 -15.80
N GLY B 171 10.75 -12.73 -16.29
CA GLY B 171 11.46 -13.99 -16.14
C GLY B 171 10.93 -14.87 -15.03
N TYR B 172 11.79 -15.70 -14.44
CA TYR B 172 11.40 -16.51 -13.31
C TYR B 172 11.14 -15.69 -12.06
N VAL B 173 11.77 -14.52 -11.95
CA VAL B 173 11.47 -13.60 -10.86
C VAL B 173 10.01 -13.16 -10.95
N LYS B 174 9.51 -12.96 -12.17
CA LYS B 174 8.10 -12.62 -12.36
C LYS B 174 7.20 -13.73 -11.84
N VAL B 175 7.54 -14.99 -12.14
CA VAL B 175 6.75 -16.12 -11.66
C VAL B 175 6.79 -16.19 -10.15
N ILE B 176 7.98 -16.01 -9.56
CA ILE B 176 8.12 -16.08 -8.11
C ILE B 176 7.28 -15.02 -7.44
N PHE B 177 7.36 -13.78 -7.93
CA PHE B 177 6.64 -12.70 -7.29
C PHE B 177 5.15 -12.79 -7.53
N PHE B 178 4.71 -13.33 -8.67
CA PHE B 178 3.28 -13.53 -8.86
C PHE B 178 2.76 -14.66 -7.99
N CYS B 179 3.59 -15.67 -7.71
CA CYS B 179 3.18 -16.71 -6.76
C CYS B 179 3.10 -16.17 -5.34
N LEU B 180 4.04 -15.29 -4.97
CA LEU B 180 3.94 -14.62 -3.67
C LEU B 180 2.67 -13.78 -3.59
N GLY B 181 2.36 -13.04 -4.66
CA GLY B 181 1.11 -12.30 -4.72
C GLY B 181 -0.10 -13.20 -4.68
N LEU B 182 0.00 -14.39 -5.28
CA LEU B 182 -1.09 -15.36 -5.22
C LEU B 182 -1.33 -15.85 -3.80
N CYS B 183 -0.26 -16.11 -3.05
CA CYS B 183 -0.41 -16.49 -1.65
C CYS B 183 -1.04 -15.37 -0.82
N TYR B 184 -0.53 -14.15 -0.99
CA TYR B 184 -1.10 -13.01 -0.27
C TYR B 184 -2.55 -12.77 -0.67
N GLY B 185 -2.87 -12.92 -1.95
CA GLY B 185 -4.24 -12.75 -2.40
C GLY B 185 -5.16 -13.86 -1.95
N ALA B 186 -4.61 -15.07 -1.78
CA ALA B 186 -5.41 -16.15 -1.18
C ALA B 186 -5.76 -15.81 0.26
N ASN B 187 -4.80 -15.29 1.01
CA ASN B 187 -5.11 -14.82 2.37
C ASN B 187 -6.14 -13.69 2.33
N THR B 188 -5.98 -12.76 1.40
CA THR B 188 -6.92 -11.66 1.27
C THR B 188 -8.32 -12.16 0.94
N PHE B 189 -8.43 -13.12 0.04
CA PHE B 189 -9.73 -13.67 -0.34
C PHE B 189 -10.36 -14.44 0.80
N PHE B 190 -9.56 -15.19 1.56
CA PHE B 190 -10.10 -15.90 2.71
C PHE B 190 -10.65 -14.92 3.74
N HIS B 191 -9.89 -13.88 4.06
CA HIS B 191 -10.36 -12.87 5.01
C HIS B 191 -11.58 -12.13 4.49
N ALA B 192 -11.61 -11.82 3.18
CA ALA B 192 -12.77 -11.16 2.60
C ALA B 192 -14.00 -12.04 2.64
N ALA B 193 -13.84 -13.35 2.41
CA ALA B 193 -14.97 -14.27 2.50
C ALA B 193 -15.50 -14.35 3.92
N LYS B 194 -14.60 -14.39 4.91
CA LYS B 194 -15.05 -14.39 6.29
C LYS B 194 -15.78 -13.09 6.64
N ALA B 195 -15.25 -11.95 6.16
CA ALA B 195 -15.90 -10.68 6.38
C ALA B 195 -17.26 -10.62 5.71
N TYR B 196 -17.39 -11.21 4.53
CA TYR B 196 -18.67 -11.23 3.83
C TYR B 196 -19.69 -12.11 4.54
N ILE B 197 -19.25 -13.25 5.08
CA ILE B 197 -20.16 -14.09 5.87
C ILE B 197 -20.62 -13.35 7.12
N GLU B 198 -19.69 -12.69 7.81
CA GLU B 198 -20.05 -11.93 9.00
C GLU B 198 -21.02 -10.80 8.65
N GLY B 199 -20.76 -10.10 7.54
CA GLY B 199 -21.67 -9.04 7.12
C GLY B 199 -23.04 -9.56 6.74
N TYR B 200 -23.08 -10.71 6.06
CA TYR B 200 -24.35 -11.32 5.72
C TYR B 200 -25.15 -11.66 6.98
N HIS B 201 -24.47 -12.13 8.02
CA HIS B 201 -25.16 -12.51 9.25
C HIS B 201 -25.37 -11.35 10.21
N THR B 202 -24.82 -10.17 9.93
CA THR B 202 -25.05 -9.01 10.79
C THR B 202 -26.06 -8.01 10.22
N VAL B 203 -26.42 -8.14 8.94
CA VAL B 203 -27.42 -7.26 8.34
C VAL B 203 -28.80 -7.84 8.60
N PRO B 204 -29.86 -7.03 8.57
CA PRO B 204 -31.21 -7.58 8.76
C PRO B 204 -31.58 -8.57 7.66
N LYS B 205 -32.42 -9.53 8.02
CA LYS B 205 -32.91 -10.50 7.06
C LYS B 205 -33.80 -9.83 6.02
N GLY B 206 -33.58 -10.17 4.76
CA GLY B 206 -34.35 -9.58 3.68
C GLY B 206 -33.50 -8.97 2.60
N ARG B 207 -33.77 -7.70 2.25
CA ARG B 207 -33.05 -7.06 1.16
C ARG B 207 -31.59 -6.81 1.52
N CYS B 208 -31.31 -6.57 2.81
CA CYS B 208 -29.95 -6.24 3.21
C CYS B 208 -28.99 -7.39 2.91
N ARG B 209 -29.38 -8.61 3.22
CA ARG B 209 -28.52 -9.75 2.94
C ARG B 209 -28.47 -10.09 1.46
N GLN B 210 -29.53 -9.79 0.70
CA GLN B 210 -29.44 -9.90 -0.74
C GLN B 210 -28.41 -8.93 -1.31
N VAL B 211 -28.37 -7.71 -0.79
CA VAL B 211 -27.35 -6.75 -1.23
C VAL B 211 -25.96 -7.22 -0.81
N VAL B 212 -25.84 -7.82 0.37
CA VAL B 212 -24.55 -8.37 0.79
C VAL B 212 -24.10 -9.48 -0.14
N THR B 213 -25.03 -10.35 -0.54
CA THR B 213 -24.71 -11.42 -1.48
C THR B 213 -24.27 -10.86 -2.82
N GLY B 214 -24.97 -9.83 -3.31
CA GLY B 214 -24.57 -9.20 -4.56
C GLY B 214 -23.20 -8.57 -4.48
N MET B 215 -22.90 -7.91 -3.35
CA MET B 215 -21.58 -7.34 -3.14
C MET B 215 -20.52 -8.42 -3.12
N ALA B 216 -20.80 -9.54 -2.47
CA ALA B 216 -19.84 -10.64 -2.43
C ALA B 216 -19.59 -11.19 -3.83
N TRP B 217 -20.65 -11.35 -4.62
CA TRP B 217 -20.49 -11.86 -5.98
C TRP B 217 -19.65 -10.90 -6.82
N LEU B 218 -19.98 -9.61 -6.80
CA LEU B 218 -19.22 -8.62 -7.55
C LEU B 218 -17.76 -8.62 -7.10
N PHE B 219 -17.54 -8.58 -5.79
CA PHE B 219 -16.20 -8.55 -5.23
C PHE B 219 -15.38 -9.72 -5.72
N PHE B 220 -15.90 -10.93 -5.54
CA PHE B 220 -15.10 -12.10 -5.86
C PHE B 220 -14.89 -12.26 -7.36
N VAL B 221 -15.92 -12.01 -8.17
CA VAL B 221 -15.74 -12.13 -9.62
C VAL B 221 -14.70 -11.13 -10.12
N SER B 222 -14.82 -9.86 -9.76
CA SER B 222 -13.88 -8.87 -10.26
C SER B 222 -12.48 -9.07 -9.68
N TRP B 223 -12.38 -9.30 -8.37
CA TRP B 223 -11.08 -9.46 -7.74
C TRP B 223 -10.38 -10.74 -8.17
N GLY B 224 -11.13 -11.76 -8.61
CA GLY B 224 -10.52 -12.91 -9.23
C GLY B 224 -10.16 -12.71 -10.67
N MET B 225 -10.90 -11.85 -11.38
CA MET B 225 -10.54 -11.51 -12.74
C MET B 225 -9.27 -10.67 -12.83
N PHE B 226 -8.93 -9.93 -11.78
CA PHE B 226 -7.71 -9.13 -11.81
C PHE B 226 -6.45 -9.97 -12.02
N PRO B 227 -6.18 -11.02 -11.22
CA PRO B 227 -5.00 -11.85 -11.53
C PRO B 227 -5.09 -12.58 -12.87
N ILE B 228 -6.31 -12.93 -13.30
CA ILE B 228 -6.45 -13.56 -14.62
C ILE B 228 -6.01 -12.60 -15.72
N LEU B 229 -6.42 -11.34 -15.61
CA LEU B 229 -5.99 -10.35 -16.59
C LEU B 229 -4.50 -10.05 -16.48
N PHE B 230 -3.94 -10.13 -15.27
CA PHE B 230 -2.49 -10.02 -15.12
C PHE B 230 -1.79 -11.13 -15.89
N ILE B 231 -2.27 -12.36 -15.74
CA ILE B 231 -1.68 -13.49 -16.46
C ILE B 231 -1.82 -13.31 -17.97
N LEU B 232 -3.00 -12.87 -18.41
CA LEU B 232 -3.28 -12.73 -19.84
C LEU B 232 -2.66 -11.48 -20.45
N GLY B 233 -2.30 -10.49 -19.64
CA GLY B 233 -1.81 -9.24 -20.15
C GLY B 233 -0.34 -9.27 -20.52
N PRO B 234 0.19 -8.13 -20.98
CA PRO B 234 1.62 -8.05 -21.26
C PRO B 234 2.50 -8.31 -20.05
N GLU B 235 1.99 -8.01 -18.85
CA GLU B 235 2.74 -8.27 -17.62
C GLU B 235 2.94 -9.76 -17.36
N GLY B 236 2.17 -10.62 -18.00
CA GLY B 236 2.37 -12.06 -17.90
C GLY B 236 2.61 -12.67 -19.26
N PHE B 237 1.76 -13.63 -19.65
CA PHE B 237 1.77 -14.15 -21.00
C PHE B 237 1.05 -13.15 -21.89
N GLY B 238 1.77 -12.53 -22.82
CA GLY B 238 1.13 -11.54 -23.65
C GLY B 238 0.09 -12.15 -24.57
N VAL B 239 -1.18 -11.95 -24.23
CA VAL B 239 -2.29 -12.48 -25.02
C VAL B 239 -3.24 -11.34 -25.31
N LEU B 240 -3.25 -10.33 -24.44
CA LEU B 240 -4.27 -9.31 -24.47
C LEU B 240 -3.82 -7.99 -25.08
N SER B 241 -2.51 -7.74 -25.10
CA SER B 241 -1.94 -6.44 -25.51
C SER B 241 -2.32 -5.37 -24.48
N VAL B 242 -1.67 -4.21 -24.58
CA VAL B 242 -1.91 -3.16 -23.58
C VAL B 242 -3.34 -2.66 -23.66
N TYR B 243 -3.86 -2.50 -24.87
CA TYR B 243 -5.20 -1.93 -25.02
C TYR B 243 -6.29 -2.93 -24.62
N GLY B 244 -6.13 -4.21 -24.98
CA GLY B 244 -7.09 -5.21 -24.54
C GLY B 244 -7.08 -5.39 -23.03
N SER B 245 -5.89 -5.38 -22.44
CA SER B 245 -5.78 -5.43 -20.98
C SER B 245 -6.43 -4.21 -20.35
N THR B 246 -6.27 -3.04 -20.97
CA THR B 246 -6.92 -1.84 -20.47
C THR B 246 -8.43 -1.95 -20.55
N VAL B 247 -8.95 -2.52 -21.63
CA VAL B 247 -10.39 -2.73 -21.78
C VAL B 247 -10.91 -3.62 -20.65
N GLY B 248 -10.26 -4.77 -20.44
CA GLY B 248 -10.70 -5.68 -19.40
C GLY B 248 -10.59 -5.07 -18.02
N HIS B 249 -9.49 -4.35 -17.75
CA HIS B 249 -9.30 -3.74 -16.45
C HIS B 249 -10.29 -2.62 -16.21
N THR B 250 -10.65 -1.87 -17.26
CA THR B 250 -11.70 -0.86 -17.11
C THR B 250 -13.03 -1.50 -16.76
N ILE B 251 -13.36 -2.63 -17.41
CA ILE B 251 -14.62 -3.30 -17.10
C ILE B 251 -14.62 -3.77 -15.65
N ILE B 252 -13.55 -4.44 -15.21
CA ILE B 252 -13.56 -4.98 -13.85
C ILE B 252 -13.30 -3.90 -12.79
N ASP B 253 -12.77 -2.74 -13.17
CA ASP B 253 -12.74 -1.61 -12.26
C ASP B 253 -14.11 -0.98 -12.09
N LEU B 254 -14.86 -0.83 -13.18
CA LEU B 254 -16.24 -0.40 -13.08
C LEU B 254 -17.06 -1.36 -12.25
N MET B 255 -16.75 -2.66 -12.33
CA MET B 255 -17.42 -3.65 -11.49
C MET B 255 -17.00 -3.57 -10.03
N SER B 256 -15.71 -3.46 -9.75
CA SER B 256 -15.20 -3.60 -8.39
C SER B 256 -15.15 -2.29 -7.62
N LYS B 257 -15.09 -1.15 -8.32
CA LYS B 257 -14.96 0.15 -7.66
C LYS B 257 -16.28 0.91 -7.67
N ASN B 258 -16.88 1.11 -8.83
CA ASN B 258 -18.09 1.91 -8.94
C ASN B 258 -19.33 1.10 -8.54
N CYS B 259 -19.51 -0.06 -9.16
CA CYS B 259 -20.71 -0.86 -8.89
C CYS B 259 -20.69 -1.41 -7.48
N TRP B 260 -19.54 -1.92 -7.03
CA TRP B 260 -19.46 -2.46 -5.67
C TRP B 260 -19.64 -1.35 -4.63
N GLY B 261 -19.05 -0.18 -4.87
CA GLY B 261 -19.24 0.93 -3.97
C GLY B 261 -20.67 1.42 -3.91
N LEU B 262 -21.34 1.46 -5.07
CA LEU B 262 -22.75 1.84 -5.08
C LEU B 262 -23.61 0.82 -4.35
N LEU B 263 -23.31 -0.47 -4.51
CA LEU B 263 -24.02 -1.49 -3.75
C LEU B 263 -23.78 -1.34 -2.25
N GLY B 264 -22.55 -1.03 -1.84
CA GLY B 264 -22.29 -0.79 -0.44
C GLY B 264 -23.02 0.43 0.09
N HIS B 265 -23.09 1.49 -0.70
CA HIS B 265 -23.85 2.66 -0.31
C HIS B 265 -25.33 2.33 -0.16
N TYR B 266 -25.87 1.52 -1.08
CA TYR B 266 -27.26 1.09 -0.96
C TYR B 266 -27.47 0.24 0.30
N LEU B 267 -26.51 -0.63 0.60
CA LEU B 267 -26.59 -1.43 1.82
C LEU B 267 -26.62 -0.54 3.06
N ARG B 268 -25.75 0.47 3.10
CA ARG B 268 -25.72 1.38 4.25
C ARG B 268 -27.00 2.20 4.34
N VAL B 269 -27.56 2.61 3.20
CA VAL B 269 -28.84 3.32 3.21
C VAL B 269 -29.94 2.42 3.77
N LEU B 270 -29.96 1.15 3.36
CA LEU B 270 -30.94 0.20 3.88
C LEU B 270 -30.77 0.01 5.38
N ILE B 271 -29.52 -0.08 5.85
CA ILE B 271 -29.26 -0.22 7.28
C ILE B 271 -29.77 0.99 8.04
N HIS B 272 -29.52 2.19 7.51
CA HIS B 272 -29.99 3.41 8.15
C HIS B 272 -31.51 3.44 8.23
N GLU B 273 -32.18 3.07 7.14
CA GLU B 273 -33.65 3.05 7.15
C GLU B 273 -34.17 2.02 8.13
N HIS B 274 -33.53 0.86 8.20
CA HIS B 274 -33.94 -0.18 9.14
C HIS B 274 -33.81 0.30 10.58
N ILE B 275 -32.70 0.99 10.88
CA ILE B 275 -32.52 1.55 12.22
C ILE B 275 -33.57 2.61 12.52
N LEU B 276 -33.90 3.43 11.52
CA LEU B 276 -34.92 4.45 11.71
C LEU B 276 -36.27 3.81 12.02
N ILE B 277 -36.61 2.72 11.35
CA ILE B 277 -37.89 2.07 11.57
C ILE B 277 -37.87 1.23 12.85
N HIS B 278 -36.98 0.24 12.91
CA HIS B 278 -36.97 -0.68 14.05
C HIS B 278 -35.86 -0.43 15.05
N GLY B 279 -34.67 -0.05 14.59
CA GLY B 279 -33.53 0.12 15.47
C GLY B 279 -33.68 1.26 16.46
C1 RET C . 8.25 10.29 0.58
C2 RET C . 8.13 11.28 -0.60
C3 RET C . 8.28 12.74 -0.21
C4 RET C . 7.17 13.06 0.77
C5 RET C . 6.99 12.05 1.86
C6 RET C . 7.56 10.82 1.84
C7 RET C . 7.69 10.12 3.12
C8 RET C . 7.72 8.80 3.38
C9 RET C . 7.87 8.15 4.66
C10 RET C . 8.36 6.88 4.62
C11 RET C . 8.61 5.98 5.71
C12 RET C . 9.38 4.88 5.53
C13 RET C . 9.72 3.91 6.53
C14 RET C . 10.47 2.84 6.13
C15 RET C . 10.93 1.77 6.97
C16 RET C . 7.59 9.01 0.06
C17 RET C . 9.74 10.03 0.83
C18 RET C . 6.30 12.62 3.08
C19 RET C . 7.48 8.87 5.91
C20 RET C . 9.25 4.12 7.93
C1 RET D . -2.13 -9.48 -8.93
C2 RET D . -0.89 -10.33 -9.29
C3 RET D . -1.17 -11.80 -9.50
C4 RET D . -1.73 -12.34 -8.20
C5 RET D . -2.80 -11.50 -7.58
C6 RET D . -3.07 -10.23 -7.97
C7 RET D . -4.38 -9.69 -7.63
C8 RET D . -4.76 -8.40 -7.42
C9 RET D . -6.08 -7.91 -7.10
C10 RET D . -6.31 -6.61 -7.41
C11 RET D . -7.50 -5.84 -7.23
C12 RET D . -7.66 -4.66 -7.86
C13 RET D . -8.81 -3.79 -7.78
C14 RET D . -8.75 -2.62 -8.47
C15 RET D . -9.80 -1.62 -8.53
C16 RET D . -1.56 -8.21 -8.29
C17 RET D . -2.86 -9.12 -10.24
C18 RET D . -3.69 -12.28 -6.64
C19 RET D . -7.08 -8.82 -6.45
C20 RET D . -9.97 -4.22 -6.94
#